data_8HVA
#
_entry.id   8HVA
#
_cell.length_a   144.739
_cell.length_b   144.739
_cell.length_c   144.739
_cell.angle_alpha   90.00
_cell.angle_beta   90.00
_cell.angle_gamma   90.00
#
_symmetry.space_group_name_H-M   'I 2 3'
#
loop_
_entity.id
_entity.type
_entity.pdbx_description
1 polymer 'Epidermal growth factor receptor'
2 non-polymer ~{N}-[6-(1-methylindol-3-yl)pyrimidin-4-yl]prop-2-enamide
#
_entity_poly.entity_id   1
_entity_poly.type   'polypeptide(L)'
_entity_poly.pdbx_seq_one_letter_code
;GSGEAPNQALLRILKETEFKKIKVLGSGAFGTVYKGLWIPEGEKVKIPVAIKELREATSPKANKEILDEAYVMASVDNPH
VCRLLGICLTSTVQLIMQLMPFGSLLDYVREHKDNIGSQYLLNWCVQIAKGMNYLEDRRLVHRDLAARNVLVKTPQHVKI
TDFGRAKLLGAAAAEYHAEGGKVPIKWMALESILHRIYTHQSDVWSYGVTVWELMTFGSKPYDGIPASEISSILEKGERL
PQPPICTIDVYMIMVKCWMIDADSRPKFRELIIEFSKMARDPQRYLVIQGDERMHLPSPTDSNFYRALMDEEDMDDVVDA
DEYLIPQQGNS
;
_entity_poly.pdbx_strand_id   A
#
loop_
_chem_comp.id
_chem_comp.type
_chem_comp.name
_chem_comp.formula
N9R non-polymer ~{N}-[6-(1-methylindol-3-yl)pyrimidin-4-yl]prop-2-enamide 'C16 H14 N4 O'
#
# COMPACT_ATOMS: atom_id res chain seq x y z
N GLY A 3 2.86 -21.60 20.52
CA GLY A 3 4.03 -21.21 19.69
C GLY A 3 3.84 -19.83 19.09
N GLU A 4 2.65 -19.58 18.55
CA GLU A 4 2.20 -18.28 17.97
C GLU A 4 0.79 -17.97 18.49
N ALA A 5 0.37 -16.72 18.41
CA ALA A 5 -0.98 -16.26 18.83
C ALA A 5 -2.02 -16.81 17.87
N PRO A 6 -3.19 -17.29 18.34
CA PRO A 6 -4.29 -17.64 17.45
C PRO A 6 -4.95 -16.42 16.78
N ASN A 7 -5.16 -16.51 15.46
CA ASN A 7 -5.70 -15.44 14.59
C ASN A 7 -7.24 -15.46 14.61
N GLN A 8 -7.86 -14.84 15.59
CA GLN A 8 -9.34 -14.92 15.78
C GLN A 8 -10.08 -13.92 14.86
N ALA A 9 -9.43 -13.36 13.84
CA ALA A 9 -10.10 -12.52 12.81
C ALA A 9 -11.41 -13.17 12.38
N LEU A 10 -12.48 -12.37 12.30
CA LEU A 10 -13.78 -12.76 11.68
C LEU A 10 -13.65 -12.69 10.16
N LEU A 11 -14.04 -13.74 9.44
CA LEU A 11 -14.31 -13.65 7.97
C LEU A 11 -15.83 -13.53 7.80
N ARG A 12 -16.29 -12.42 7.23
CA ARG A 12 -17.73 -12.12 7.16
C ARG A 12 -18.22 -12.58 5.78
N ILE A 13 -19.24 -13.44 5.74
CA ILE A 13 -19.82 -13.89 4.45
C ILE A 13 -21.07 -13.05 4.19
N LEU A 14 -21.08 -12.36 3.05
CA LEU A 14 -22.17 -11.42 2.68
C LEU A 14 -22.98 -12.03 1.54
N LYS A 15 -24.31 -11.93 1.64
CA LYS A 15 -25.28 -12.30 0.57
C LYS A 15 -25.10 -11.34 -0.59
N GLU A 16 -25.26 -11.80 -1.83
CA GLU A 16 -25.14 -10.98 -3.06
C GLU A 16 -26.17 -9.85 -3.03
N THR A 17 -27.23 -9.97 -2.23
CA THR A 17 -28.35 -8.99 -2.15
C THR A 17 -28.01 -7.81 -1.24
N GLU A 18 -26.99 -7.95 -0.40
CA GLU A 18 -26.58 -6.88 0.56
C GLU A 18 -25.88 -5.72 -0.16
N PHE A 19 -25.48 -5.84 -1.42
CA PHE A 19 -24.70 -4.78 -2.10
C PHE A 19 -25.09 -4.66 -3.58
N LYS A 20 -25.07 -3.42 -4.11
CA LYS A 20 -25.23 -3.10 -5.56
C LYS A 20 -23.84 -2.75 -6.13
N LYS A 21 -23.39 -3.42 -7.20
CA LYS A 21 -22.27 -2.94 -8.07
C LYS A 21 -22.78 -1.73 -8.85
N ILE A 22 -22.15 -0.57 -8.68
CA ILE A 22 -22.70 0.73 -9.17
C ILE A 22 -22.03 1.12 -10.50
N LYS A 23 -20.75 0.81 -10.65
CA LYS A 23 -20.02 0.94 -11.94
C LYS A 23 -18.66 0.26 -11.77
N VAL A 24 -17.93 0.16 -12.86
CA VAL A 24 -16.62 -0.54 -12.93
C VAL A 24 -15.56 0.51 -12.57
N LEU A 25 -14.48 0.10 -11.92
CA LEU A 25 -13.27 0.96 -11.76
C LEU A 25 -12.09 0.37 -12.52
N GLY A 26 -12.06 -0.94 -12.86
CA GLY A 26 -10.85 -1.52 -13.45
C GLY A 26 -11.07 -2.87 -14.14
N SER A 27 -10.10 -3.26 -14.98
CA SER A 27 -10.04 -4.55 -15.72
C SER A 27 -8.59 -4.97 -15.96
N THR A 32 -11.61 -7.55 -12.44
CA THR A 32 -12.52 -6.38 -12.37
C THR A 32 -12.73 -5.91 -10.93
N VAL A 33 -12.62 -4.59 -10.70
CA VAL A 33 -13.00 -3.93 -9.43
C VAL A 33 -14.13 -2.95 -9.71
N TYR A 34 -15.24 -3.06 -8.99
CA TYR A 34 -16.43 -2.18 -9.08
C TYR A 34 -16.47 -1.25 -7.88
N LYS A 35 -16.87 0.00 -8.10
CA LYS A 35 -17.43 0.87 -7.05
C LYS A 35 -18.82 0.31 -6.77
N GLY A 36 -19.18 0.20 -5.50
CA GLY A 36 -20.46 -0.37 -5.07
C GLY A 36 -20.94 0.28 -3.79
N LEU A 37 -22.15 -0.10 -3.36
CA LEU A 37 -22.73 0.27 -2.07
C LEU A 37 -23.10 -1.02 -1.34
N TRP A 38 -22.77 -1.10 -0.05
CA TRP A 38 -23.07 -2.25 0.83
C TRP A 38 -24.08 -1.83 1.91
N ILE A 39 -25.26 -2.46 1.96
CA ILE A 39 -26.22 -2.28 3.09
C ILE A 39 -26.26 -3.56 3.92
N PRO A 40 -25.46 -3.62 5.01
CA PRO A 40 -25.46 -4.78 5.90
C PRO A 40 -26.93 -5.06 6.28
N GLU A 41 -27.38 -6.31 6.23
CA GLU A 41 -28.83 -6.63 6.32
C GLU A 41 -29.35 -6.25 7.71
N GLY A 42 -30.46 -5.51 7.76
CA GLY A 42 -31.17 -5.19 9.01
C GLY A 42 -30.57 -3.99 9.73
N GLU A 43 -29.71 -3.23 9.05
CA GLU A 43 -29.07 -2.00 9.57
C GLU A 43 -29.35 -0.85 8.60
N LYS A 44 -29.56 0.36 9.14
CA LYS A 44 -29.91 1.58 8.34
C LYS A 44 -28.59 2.29 7.94
N VAL A 45 -27.64 1.57 7.34
CA VAL A 45 -26.36 2.17 6.81
C VAL A 45 -26.14 1.71 5.38
N LYS A 46 -25.48 2.56 4.59
CA LYS A 46 -24.95 2.26 3.25
C LYS A 46 -23.46 2.61 3.28
N ILE A 47 -22.61 1.69 2.84
CA ILE A 47 -21.13 1.80 2.95
C ILE A 47 -20.58 1.82 1.52
N PRO A 48 -19.89 2.90 1.12
CA PRO A 48 -19.17 2.88 -0.16
C PRO A 48 -18.13 1.75 -0.11
N VAL A 49 -18.14 0.89 -1.12
CA VAL A 49 -17.24 -0.29 -1.15
C VAL A 49 -16.60 -0.40 -2.53
N ALA A 50 -15.44 -1.06 -2.55
CA ALA A 50 -14.82 -1.66 -3.74
C ALA A 50 -15.11 -3.15 -3.72
N ILE A 51 -15.62 -3.69 -4.82
CA ILE A 51 -15.95 -5.14 -4.99
C ILE A 51 -15.04 -5.75 -6.05
N LYS A 52 -14.09 -6.59 -5.61
CA LYS A 52 -13.08 -7.26 -6.46
C LYS A 52 -13.58 -8.67 -6.75
N GLU A 53 -13.85 -8.97 -8.03
CA GLU A 53 -14.55 -10.20 -8.52
C GLU A 53 -13.58 -10.97 -9.42
N LEU A 54 -13.32 -12.25 -9.10
CA LEU A 54 -12.33 -13.15 -9.78
C LEU A 54 -12.66 -13.25 -11.28
N ARG A 55 -11.63 -13.12 -12.13
CA ARG A 55 -11.70 -13.05 -13.63
C ARG A 55 -12.39 -14.31 -14.17
N GLU A 56 -11.63 -15.39 -14.38
CA GLU A 56 -12.12 -16.67 -14.99
C GLU A 56 -13.24 -17.30 -14.12
N ALA A 57 -12.98 -17.55 -12.82
CA ALA A 57 -13.86 -18.28 -11.85
C ALA A 57 -13.92 -19.78 -12.20
N THR A 58 -13.72 -20.13 -13.48
CA THR A 58 -13.40 -21.50 -13.99
C THR A 58 -12.11 -22.00 -13.28
N SER A 59 -11.09 -21.15 -13.18
CA SER A 59 -9.74 -21.42 -12.60
C SER A 59 -9.85 -21.76 -11.11
N PRO A 60 -9.40 -22.98 -10.69
CA PRO A 60 -9.13 -23.29 -9.28
C PRO A 60 -7.85 -22.64 -8.69
N LYS A 61 -6.82 -22.37 -9.52
CA LYS A 61 -5.59 -21.61 -9.13
C LYS A 61 -6.00 -20.21 -8.66
N ALA A 62 -6.84 -19.52 -9.46
CA ALA A 62 -7.39 -18.15 -9.21
C ALA A 62 -8.07 -18.03 -7.84
N ASN A 63 -8.89 -19.03 -7.46
CA ASN A 63 -9.68 -19.03 -6.20
C ASN A 63 -8.75 -19.12 -4.99
N LYS A 64 -7.65 -19.89 -5.07
CA LYS A 64 -6.60 -19.98 -4.02
C LYS A 64 -5.96 -18.58 -3.83
N GLU A 65 -5.70 -17.84 -4.91
CA GLU A 65 -5.13 -16.45 -4.93
C GLU A 65 -5.97 -15.51 -4.06
N ILE A 66 -7.23 -15.34 -4.47
CA ILE A 66 -8.10 -14.25 -3.95
C ILE A 66 -8.33 -14.54 -2.47
N LEU A 67 -8.41 -15.82 -2.10
CA LEU A 67 -8.80 -16.23 -0.72
C LEU A 67 -7.61 -15.99 0.22
N ASP A 68 -6.40 -16.13 -0.29
CA ASP A 68 -5.16 -15.86 0.49
C ASP A 68 -5.13 -14.37 0.80
N GLU A 69 -5.45 -13.53 -0.18
CA GLU A 69 -5.55 -12.05 -0.03
C GLU A 69 -6.60 -11.75 1.05
N ALA A 70 -7.78 -12.38 0.92
CA ALA A 70 -8.90 -12.24 1.86
C ALA A 70 -8.42 -12.60 3.26
N TYR A 71 -7.63 -13.67 3.39
CA TYR A 71 -7.09 -14.15 4.69
C TYR A 71 -6.34 -12.99 5.36
N VAL A 72 -5.43 -12.38 4.60
CA VAL A 72 -4.48 -11.36 5.12
C VAL A 72 -5.28 -10.08 5.45
N MET A 73 -6.13 -9.63 4.51
CA MET A 73 -6.96 -8.39 4.64
C MET A 73 -7.89 -8.53 5.84
N ALA A 74 -8.41 -9.71 6.13
CA ALA A 74 -9.31 -9.96 7.28
C ALA A 74 -8.52 -9.88 8.57
N SER A 75 -7.21 -10.06 8.49
CA SER A 75 -6.37 -10.27 9.69
C SER A 75 -5.62 -8.97 10.05
N VAL A 76 -5.96 -7.83 9.44
CA VAL A 76 -5.31 -6.52 9.74
C VAL A 76 -6.39 -5.50 10.18
N ASP A 77 -6.06 -4.62 11.12
CA ASP A 77 -6.96 -3.52 11.55
C ASP A 77 -6.09 -2.35 12.00
N ASN A 78 -5.88 -1.38 11.11
CA ASN A 78 -5.03 -0.21 11.38
C ASN A 78 -5.50 0.91 10.50
N PRO A 79 -5.46 2.19 10.94
CA PRO A 79 -5.94 3.27 10.10
C PRO A 79 -5.17 3.46 8.79
N HIS A 80 -3.98 2.85 8.61
CA HIS A 80 -3.13 3.03 7.39
C HIS A 80 -2.98 1.72 6.61
N VAL A 81 -3.94 0.80 6.77
CA VAL A 81 -4.00 -0.50 6.08
C VAL A 81 -5.44 -0.77 5.70
N CYS A 82 -5.67 -1.22 4.47
CA CYS A 82 -7.01 -1.60 3.96
C CYS A 82 -7.43 -2.92 4.62
N ARG A 83 -8.57 -2.92 5.30
CA ARG A 83 -9.19 -4.11 5.91
C ARG A 83 -10.20 -4.69 4.92
N LEU A 84 -10.57 -5.95 5.13
CA LEU A 84 -11.65 -6.64 4.38
C LEU A 84 -12.96 -6.48 5.14
N LEU A 85 -14.02 -6.12 4.43
CA LEU A 85 -15.38 -6.01 5.03
C LEU A 85 -16.06 -7.38 5.01
N GLY A 86 -15.93 -8.11 3.91
CA GLY A 86 -16.32 -9.54 3.86
C GLY A 86 -16.01 -10.16 2.53
N ILE A 87 -16.48 -11.39 2.33
CA ILE A 87 -16.49 -12.04 0.99
C ILE A 87 -17.92 -12.46 0.66
N CYS A 88 -18.21 -12.58 -0.63
CA CYS A 88 -19.48 -13.11 -1.17
C CYS A 88 -19.16 -14.34 -2.00
N LEU A 89 -19.65 -15.51 -1.57
CA LEU A 89 -19.41 -16.80 -2.25
C LEU A 89 -20.47 -17.00 -3.34
N THR A 90 -20.20 -16.48 -4.53
CA THR A 90 -21.05 -16.65 -5.74
C THR A 90 -20.24 -17.48 -6.76
N SER A 91 -20.77 -17.58 -7.99
CA SER A 91 -20.09 -18.18 -9.16
C SER A 91 -18.62 -17.76 -9.16
N THR A 92 -18.37 -16.46 -9.22
CA THR A 92 -17.02 -15.83 -9.05
C THR A 92 -16.95 -15.33 -7.61
N VAL A 93 -15.93 -15.71 -6.83
CA VAL A 93 -15.78 -15.20 -5.43
C VAL A 93 -15.44 -13.72 -5.54
N GLN A 94 -16.16 -12.86 -4.80
CA GLN A 94 -15.90 -11.39 -4.76
C GLN A 94 -15.43 -10.98 -3.35
N LEU A 95 -14.33 -10.23 -3.27
CA LEU A 95 -13.84 -9.50 -2.06
C LEU A 95 -14.51 -8.14 -1.94
N ILE A 96 -15.08 -7.85 -0.77
CA ILE A 96 -15.69 -6.52 -0.47
C ILE A 96 -14.75 -5.77 0.48
N MET A 97 -14.36 -4.58 0.09
CA MET A 97 -13.39 -3.76 0.85
C MET A 97 -13.90 -2.33 0.84
N GLN A 98 -13.29 -1.46 1.66
CA GLN A 98 -13.62 -0.01 1.74
C GLN A 98 -13.31 0.63 0.41
N LEU A 99 -14.22 1.47 -0.11
CA LEU A 99 -13.98 2.28 -1.33
C LEU A 99 -12.92 3.35 -1.01
N MET A 100 -11.86 3.39 -1.83
CA MET A 100 -10.80 4.43 -1.75
C MET A 100 -10.99 5.37 -2.94
N PRO A 101 -11.79 6.44 -2.78
CA PRO A 101 -12.33 7.16 -3.93
C PRO A 101 -11.30 7.79 -4.86
N PHE A 102 -10.11 8.14 -4.38
CA PHE A 102 -9.14 8.98 -5.13
C PHE A 102 -8.07 8.11 -5.79
N GLY A 103 -8.29 6.79 -5.84
CA GLY A 103 -7.43 5.86 -6.59
C GLY A 103 -6.05 5.69 -5.96
N SER A 104 -5.10 5.22 -6.76
CA SER A 104 -3.74 4.90 -6.26
C SER A 104 -3.05 6.23 -6.03
N LEU A 105 -2.12 6.25 -5.09
CA LEU A 105 -1.36 7.47 -4.76
C LEU A 105 -0.42 7.73 -5.93
N LEU A 106 0.00 6.68 -6.63
CA LEU A 106 0.86 6.86 -7.84
C LEU A 106 0.10 7.71 -8.86
N ASP A 107 -1.14 7.33 -9.20
CA ASP A 107 -1.99 8.07 -10.17
C ASP A 107 -2.27 9.47 -9.62
N TYR A 108 -2.47 9.60 -8.31
CA TYR A 108 -2.84 10.89 -7.67
C TYR A 108 -1.67 11.87 -7.79
N VAL A 109 -0.43 11.46 -7.59
CA VAL A 109 0.73 12.40 -7.65
C VAL A 109 0.94 12.81 -9.12
N ARG A 110 0.78 11.91 -10.07
CA ARG A 110 0.96 12.18 -11.52
C ARG A 110 -0.07 13.24 -11.94
N GLU A 111 -1.28 13.11 -11.45
CA GLU A 111 -2.42 13.84 -12.01
C GLU A 111 -2.55 15.18 -11.29
N HIS A 112 -1.99 15.32 -10.09
CA HIS A 112 -2.07 16.54 -9.25
C HIS A 112 -0.67 17.11 -8.95
N LYS A 113 0.35 16.79 -9.75
CA LYS A 113 1.78 17.10 -9.42
C LYS A 113 1.97 18.60 -9.13
N ASP A 114 1.09 19.47 -9.65
CA ASP A 114 1.23 20.95 -9.53
C ASP A 114 0.41 21.45 -8.35
N ASN A 115 -0.36 20.60 -7.66
CA ASN A 115 -1.22 21.06 -6.55
C ASN A 115 -0.86 20.35 -5.24
N ILE A 116 0.28 19.66 -5.16
CA ILE A 116 0.70 18.87 -3.95
C ILE A 116 1.88 19.55 -3.25
N GLY A 117 1.70 19.86 -1.96
CA GLY A 117 2.69 20.56 -1.11
C GLY A 117 3.50 19.61 -0.24
N SER A 118 4.60 20.13 0.31
CA SER A 118 5.55 19.39 1.18
C SER A 118 4.83 18.75 2.36
N GLN A 119 3.83 19.40 2.93
CA GLN A 119 3.09 18.92 4.14
C GLN A 119 2.38 17.60 3.78
N TYR A 120 1.72 17.53 2.63
CA TYR A 120 1.03 16.30 2.17
C TYR A 120 2.04 15.18 1.96
N LEU A 121 3.10 15.44 1.19
CA LEU A 121 4.10 14.41 0.80
C LEU A 121 4.71 13.79 2.07
N LEU A 122 5.14 14.62 3.01
CA LEU A 122 5.74 14.16 4.30
C LEU A 122 4.69 13.44 5.18
N ASN A 123 3.44 13.89 5.20
CA ASN A 123 2.36 13.22 6.00
C ASN A 123 2.12 11.83 5.42
N TRP A 124 2.07 11.72 4.10
CA TRP A 124 1.94 10.40 3.43
C TRP A 124 3.10 9.50 3.83
N CYS A 125 4.31 10.06 3.94
CA CYS A 125 5.52 9.24 4.20
C CYS A 125 5.37 8.65 5.60
N VAL A 126 4.85 9.47 6.53
CA VAL A 126 4.52 9.06 7.93
C VAL A 126 3.40 8.02 7.90
N GLN A 127 2.33 8.22 7.15
CA GLN A 127 1.16 7.31 7.20
C GLN A 127 1.56 5.95 6.69
N ILE A 128 2.31 5.92 5.60
CA ILE A 128 2.74 4.64 4.98
C ILE A 128 3.68 3.94 5.96
N ALA A 129 4.56 4.70 6.63
CA ALA A 129 5.51 4.17 7.63
C ALA A 129 4.73 3.55 8.78
N LYS A 130 3.68 4.23 9.26
CA LYS A 130 2.82 3.75 10.37
C LYS A 130 2.16 2.42 9.99
N GLY A 131 1.64 2.36 8.76
CA GLY A 131 0.95 1.18 8.25
C GLY A 131 1.92 0.01 8.14
N MET A 132 3.12 0.24 7.60
CA MET A 132 4.15 -0.82 7.47
C MET A 132 4.62 -1.24 8.87
N ASN A 133 4.81 -0.31 9.80
CA ASN A 133 5.15 -0.64 11.20
C ASN A 133 4.09 -1.58 11.81
N TYR A 134 2.81 -1.33 11.56
CA TYR A 134 1.70 -2.18 12.06
C TYR A 134 1.86 -3.58 11.48
N LEU A 135 2.12 -3.69 10.18
CA LEU A 135 2.27 -5.00 9.48
C LEU A 135 3.45 -5.75 10.11
N GLU A 136 4.55 -5.06 10.36
CA GLU A 136 5.73 -5.65 11.01
C GLU A 136 5.31 -6.18 12.39
N ASP A 137 4.61 -5.37 13.19
CA ASP A 137 4.03 -5.78 14.50
C ASP A 137 3.29 -7.12 14.35
N ARG A 138 2.55 -7.31 13.27
CA ARG A 138 1.67 -8.49 13.02
C ARG A 138 2.42 -9.55 12.23
N ARG A 139 3.76 -9.52 12.29
CA ARG A 139 4.67 -10.52 11.68
C ARG A 139 4.32 -10.73 10.19
N LEU A 140 3.98 -9.66 9.47
CA LEU A 140 3.50 -9.73 8.07
C LEU A 140 4.45 -8.96 7.15
N VAL A 141 4.98 -9.62 6.13
CA VAL A 141 5.83 -9.00 5.08
C VAL A 141 4.94 -8.80 3.84
N HIS A 142 4.88 -7.57 3.31
CA HIS A 142 3.94 -7.14 2.23
C HIS A 142 4.44 -7.63 0.87
N ARG A 143 5.74 -7.48 0.63
CA ARG A 143 6.50 -8.01 -0.55
C ARG A 143 6.05 -7.34 -1.84
N ASP A 144 5.29 -6.24 -1.79
CA ASP A 144 4.86 -5.49 -3.00
C ASP A 144 4.48 -4.05 -2.65
N LEU A 145 5.15 -3.45 -1.64
CA LEU A 145 4.98 -2.00 -1.35
C LEU A 145 5.54 -1.18 -2.51
N ALA A 146 4.73 -0.26 -2.99
CA ALA A 146 4.98 0.54 -4.19
C ALA A 146 3.88 1.60 -4.19
N ALA A 147 4.08 2.72 -4.86
CA ALA A 147 3.10 3.82 -4.84
C ALA A 147 1.81 3.37 -5.55
N ARG A 148 1.84 2.32 -6.39
CA ARG A 148 0.61 1.78 -7.05
C ARG A 148 -0.29 1.15 -5.96
N ASN A 149 0.33 0.63 -4.90
CA ASN A 149 -0.32 -0.18 -3.83
C ASN A 149 -0.56 0.67 -2.57
N VAL A 150 -0.49 2.00 -2.69
CA VAL A 150 -0.98 2.92 -1.63
C VAL A 150 -2.20 3.63 -2.20
N LEU A 151 -3.35 3.54 -1.53
CA LEU A 151 -4.61 4.07 -2.07
C LEU A 151 -5.00 5.27 -1.26
N VAL A 152 -5.79 6.16 -1.85
CA VAL A 152 -6.12 7.49 -1.28
C VAL A 152 -7.58 7.50 -0.85
N LYS A 153 -7.83 7.50 0.46
CA LYS A 153 -9.20 7.60 1.01
C LYS A 153 -9.64 9.04 0.81
N THR A 154 -8.80 9.94 1.31
CA THR A 154 -8.83 11.41 1.07
C THR A 154 -7.39 11.84 0.79
N PRO A 155 -7.16 13.04 0.23
CA PRO A 155 -5.80 13.55 0.09
C PRO A 155 -5.06 13.58 1.43
N GLN A 156 -5.80 13.62 2.54
CA GLN A 156 -5.23 13.72 3.91
C GLN A 156 -4.99 12.31 4.45
N HIS A 157 -5.47 11.24 3.79
CA HIS A 157 -5.52 9.87 4.38
C HIS A 157 -5.28 8.76 3.35
N VAL A 158 -4.14 8.08 3.44
CA VAL A 158 -3.78 6.95 2.52
C VAL A 158 -3.65 5.66 3.33
N LYS A 159 -3.79 4.54 2.64
CA LYS A 159 -3.67 3.20 3.26
C LYS A 159 -2.89 2.27 2.33
N ILE A 160 -2.17 1.32 2.92
CA ILE A 160 -1.47 0.25 2.16
C ILE A 160 -2.48 -0.82 1.75
N THR A 161 -2.34 -1.32 0.53
CA THR A 161 -3.32 -2.23 -0.08
C THR A 161 -2.57 -3.27 -0.90
N ASP A 162 -3.32 -4.08 -1.67
CA ASP A 162 -2.86 -5.16 -2.60
C ASP A 162 -1.93 -6.15 -1.87
N PHE A 163 -2.52 -7.02 -1.04
CA PHE A 163 -1.86 -8.07 -0.22
C PHE A 163 -1.74 -9.36 -1.04
N GLY A 164 -1.95 -9.26 -2.36
CA GLY A 164 -1.74 -10.33 -3.34
C GLY A 164 -0.47 -11.14 -3.10
N ARG A 165 0.57 -10.56 -2.47
CA ARG A 165 1.89 -11.24 -2.32
C ARG A 165 2.28 -11.34 -0.85
N ALA A 166 1.51 -10.76 0.06
CA ALA A 166 1.87 -10.65 1.48
C ALA A 166 2.02 -12.06 2.09
N LYS A 167 3.00 -12.26 2.98
CA LYS A 167 3.23 -13.54 3.70
C LYS A 167 3.35 -13.27 5.21
N LEU A 168 3.00 -14.26 6.04
CA LEU A 168 3.20 -14.22 7.52
C LEU A 168 4.39 -15.12 7.90
N LEU A 169 5.05 -14.92 9.04
CA LEU A 169 6.29 -15.67 9.43
C LEU A 169 6.02 -16.61 10.62
N ALA A 174 12.33 -14.29 11.32
CA ALA A 174 12.26 -15.25 10.18
C ALA A 174 12.32 -14.46 8.85
N GLU A 175 12.69 -15.17 7.77
CA GLU A 175 12.73 -14.65 6.37
C GLU A 175 11.57 -15.30 5.59
N TYR A 176 11.62 -15.32 4.27
CA TYR A 176 10.60 -16.04 3.45
C TYR A 176 11.17 -16.36 2.07
N HIS A 177 11.75 -17.55 1.91
CA HIS A 177 12.39 -18.02 0.64
C HIS A 177 11.26 -18.42 -0.33
N ALA A 178 10.89 -17.54 -1.27
CA ALA A 178 9.90 -17.76 -2.35
C ALA A 178 10.64 -18.38 -3.54
N GLU A 179 9.93 -18.78 -4.59
CA GLU A 179 10.55 -19.50 -5.74
C GLU A 179 10.03 -18.89 -7.04
N GLY A 180 10.59 -17.74 -7.48
CA GLY A 180 10.31 -17.10 -8.78
C GLY A 180 8.87 -16.59 -8.90
N GLY A 181 8.44 -16.32 -10.14
CA GLY A 181 7.09 -15.80 -10.48
C GLY A 181 7.19 -14.53 -11.30
N LYS A 182 6.09 -13.79 -11.51
CA LYS A 182 6.07 -12.39 -12.04
C LYS A 182 6.34 -11.42 -10.86
N VAL A 183 7.54 -10.84 -10.74
CA VAL A 183 7.96 -10.06 -9.53
C VAL A 183 8.27 -8.62 -9.91
N PRO A 184 8.10 -7.66 -8.97
CA PRO A 184 8.38 -6.23 -9.21
C PRO A 184 9.82 -5.79 -8.89
N ILE A 185 10.74 -6.06 -9.84
CA ILE A 185 12.22 -6.03 -9.62
C ILE A 185 12.66 -4.66 -9.11
N LYS A 186 12.10 -3.60 -9.68
CA LYS A 186 12.62 -2.22 -9.51
C LYS A 186 12.36 -1.72 -8.08
N TRP A 187 11.47 -2.39 -7.34
CA TRP A 187 11.09 -2.05 -5.94
C TRP A 187 11.81 -2.94 -4.95
N MET A 188 12.52 -3.98 -5.41
CA MET A 188 12.95 -5.10 -4.53
C MET A 188 14.36 -4.87 -4.00
N ALA A 189 14.56 -5.21 -2.72
CA ALA A 189 15.88 -5.32 -2.08
C ALA A 189 16.78 -6.22 -2.96
N LEU A 190 18.09 -6.07 -2.81
CA LEU A 190 19.10 -6.90 -3.51
C LEU A 190 18.98 -8.34 -3.02
N GLU A 191 18.86 -8.57 -1.69
CA GLU A 191 18.77 -9.96 -1.13
C GLU A 191 17.50 -10.65 -1.68
N SER A 192 16.47 -9.88 -2.06
CA SER A 192 15.22 -10.40 -2.68
C SER A 192 15.50 -10.82 -4.13
N ILE A 193 16.23 -10.02 -4.89
CA ILE A 193 16.47 -10.32 -6.34
C ILE A 193 17.42 -11.51 -6.44
N LEU A 194 18.43 -11.59 -5.58
CA LEU A 194 19.52 -12.59 -5.71
C LEU A 194 19.06 -13.94 -5.13
N HIS A 195 18.52 -13.92 -3.91
CA HIS A 195 18.35 -15.13 -3.05
C HIS A 195 16.87 -15.32 -2.67
N ARG A 196 15.96 -14.66 -3.40
CA ARG A 196 14.49 -14.61 -3.12
C ARG A 196 14.23 -14.53 -1.60
N ILE A 197 15.10 -13.89 -0.82
CA ILE A 197 14.90 -13.63 0.65
C ILE A 197 14.05 -12.34 0.81
N TYR A 198 13.07 -12.39 1.70
CA TYR A 198 12.18 -11.25 2.04
C TYR A 198 12.02 -11.12 3.56
N THR A 199 12.26 -9.92 4.11
CA THR A 199 11.97 -9.58 5.52
C THR A 199 11.25 -8.23 5.58
N HIS A 200 11.03 -7.74 6.81
CA HIS A 200 10.50 -6.39 7.08
C HIS A 200 11.47 -5.37 6.50
N GLN A 201 12.77 -5.68 6.49
CA GLN A 201 13.82 -4.76 5.97
C GLN A 201 13.83 -4.78 4.44
N SER A 202 13.37 -5.83 3.76
CA SER A 202 13.24 -5.78 2.28
C SER A 202 12.05 -4.88 1.97
N ASP A 203 11.06 -4.86 2.88
CA ASP A 203 9.86 -3.97 2.76
C ASP A 203 10.33 -2.51 2.88
N VAL A 204 11.28 -2.25 3.79
CA VAL A 204 11.86 -0.90 4.05
C VAL A 204 12.53 -0.42 2.77
N TRP A 205 13.27 -1.28 2.06
CA TRP A 205 13.89 -0.92 0.76
C TRP A 205 12.79 -0.43 -0.17
N SER A 206 11.70 -1.18 -0.32
CA SER A 206 10.62 -0.81 -1.26
C SER A 206 9.97 0.49 -0.80
N TYR A 207 9.92 0.73 0.52
CA TYR A 207 9.44 1.98 1.16
C TYR A 207 10.31 3.13 0.62
N GLY A 208 11.63 2.98 0.69
CA GLY A 208 12.61 3.89 0.04
C GLY A 208 12.18 4.23 -1.37
N VAL A 209 11.94 3.22 -2.21
CA VAL A 209 11.58 3.42 -3.64
C VAL A 209 10.20 4.08 -3.68
N THR A 210 9.32 3.75 -2.74
CA THR A 210 7.94 4.31 -2.70
C THR A 210 8.05 5.82 -2.45
N VAL A 211 8.89 6.23 -1.50
CA VAL A 211 9.10 7.66 -1.13
C VAL A 211 9.65 8.39 -2.36
N TRP A 212 10.63 7.78 -3.02
CA TRP A 212 11.21 8.32 -4.28
C TRP A 212 10.11 8.57 -5.31
N GLU A 213 9.20 7.61 -5.49
CA GLU A 213 8.08 7.74 -6.47
C GLU A 213 7.31 9.02 -6.15
N LEU A 214 6.98 9.24 -4.88
CA LEU A 214 6.11 10.37 -4.44
C LEU A 214 6.86 11.69 -4.63
N MET A 215 8.17 11.71 -4.30
CA MET A 215 8.96 12.97 -4.31
C MET A 215 9.33 13.36 -5.75
N THR A 216 9.18 12.46 -6.72
CA THR A 216 9.37 12.76 -8.16
C THR A 216 8.02 12.85 -8.84
N PHE A 217 6.95 12.95 -8.07
CA PHE A 217 5.56 13.09 -8.55
C PHE A 217 5.21 11.95 -9.52
N GLY A 218 5.73 10.75 -9.24
CA GLY A 218 5.28 9.50 -9.86
C GLY A 218 6.14 9.09 -11.04
N SER A 219 7.43 9.41 -11.00
CA SER A 219 8.37 8.96 -12.04
C SER A 219 8.55 7.44 -11.90
N LYS A 220 9.00 6.79 -12.97
CA LYS A 220 9.26 5.33 -13.01
C LYS A 220 10.72 5.16 -12.61
N PRO A 221 11.02 4.36 -11.57
CA PRO A 221 12.39 4.23 -11.10
C PRO A 221 13.24 3.43 -12.09
N TYR A 222 14.48 3.89 -12.31
CA TYR A 222 15.44 3.24 -13.23
C TYR A 222 14.77 3.17 -14.59
N ASP A 223 14.04 4.23 -14.98
CA ASP A 223 13.22 4.27 -16.24
C ASP A 223 14.14 3.93 -17.41
N GLY A 224 13.70 3.03 -18.29
CA GLY A 224 14.48 2.54 -19.43
C GLY A 224 15.77 1.83 -19.04
N ILE A 225 15.85 1.25 -17.84
CA ILE A 225 16.86 0.18 -17.53
C ILE A 225 16.10 -1.15 -17.50
N PRO A 226 16.50 -2.18 -18.28
CA PRO A 226 15.78 -3.44 -18.28
C PRO A 226 16.01 -4.14 -16.93
N ALA A 227 15.01 -4.89 -16.45
CA ALA A 227 15.00 -5.48 -15.09
C ALA A 227 16.15 -6.49 -14.97
N SER A 228 16.61 -7.03 -16.09
CA SER A 228 17.79 -7.94 -16.19
C SER A 228 19.05 -7.23 -15.71
N GLU A 229 19.10 -5.89 -15.83
CA GLU A 229 20.29 -5.08 -15.44
C GLU A 229 20.30 -4.81 -13.92
N ILE A 230 19.11 -4.69 -13.30
CA ILE A 230 18.93 -4.01 -11.98
C ILE A 230 19.86 -4.59 -10.90
N SER A 231 19.94 -5.91 -10.68
CA SER A 231 20.74 -6.47 -9.54
C SER A 231 22.24 -6.15 -9.72
N SER A 232 22.68 -5.92 -10.97
CA SER A 232 24.11 -5.64 -11.30
C SER A 232 24.44 -4.20 -10.85
N ILE A 233 23.66 -3.24 -11.35
CA ILE A 233 23.67 -1.80 -10.99
C ILE A 233 23.73 -1.65 -9.47
N LEU A 234 22.84 -2.35 -8.75
CA LEU A 234 22.69 -2.25 -7.27
C LEU A 234 23.92 -2.87 -6.58
N GLU A 235 24.51 -3.90 -7.17
CA GLU A 235 25.75 -4.56 -6.67
C GLU A 235 26.89 -3.54 -6.78
N LYS A 236 26.96 -2.85 -7.93
CA LYS A 236 27.98 -1.83 -8.31
C LYS A 236 27.89 -0.62 -7.36
N GLY A 237 26.73 -0.40 -6.72
CA GLY A 237 26.52 0.62 -5.67
C GLY A 237 25.69 1.80 -6.13
N GLU A 238 25.16 1.76 -7.37
CA GLU A 238 24.29 2.83 -7.93
C GLU A 238 22.93 2.75 -7.25
N ARG A 239 22.26 3.90 -7.10
CA ARG A 239 20.90 3.99 -6.54
C ARG A 239 20.10 4.97 -7.39
N LEU A 240 18.86 5.24 -7.00
CA LEU A 240 18.02 6.26 -7.67
C LEU A 240 18.60 7.62 -7.34
N PRO A 241 18.48 8.62 -8.23
CA PRO A 241 19.03 9.96 -7.96
C PRO A 241 18.22 10.69 -6.90
N GLN A 242 18.83 11.69 -6.25
CA GLN A 242 18.15 12.70 -5.40
C GLN A 242 17.06 13.41 -6.20
N PRO A 243 15.77 13.28 -5.81
CA PRO A 243 14.70 14.03 -6.47
C PRO A 243 14.91 15.52 -6.26
N PRO A 244 14.60 16.34 -7.28
CA PRO A 244 14.83 17.78 -7.22
C PRO A 244 14.33 18.47 -5.94
N ILE A 245 13.12 18.14 -5.48
CA ILE A 245 12.49 18.84 -4.32
C ILE A 245 13.17 18.41 -3.01
N CYS A 246 14.06 17.42 -3.03
CA CYS A 246 14.47 16.73 -1.79
C CYS A 246 15.72 17.37 -1.21
N THR A 247 15.65 17.89 0.01
CA THR A 247 16.86 18.25 0.79
C THR A 247 17.68 16.97 0.98
N ILE A 248 18.98 17.12 1.23
CA ILE A 248 19.88 15.98 1.52
C ILE A 248 19.26 15.19 2.67
N ASP A 249 18.55 15.87 3.59
CA ASP A 249 17.99 15.23 4.81
C ASP A 249 17.07 14.09 4.40
N VAL A 250 16.09 14.41 3.57
CA VAL A 250 15.05 13.47 3.11
C VAL A 250 15.77 12.37 2.32
N TYR A 251 16.64 12.75 1.39
CA TYR A 251 17.27 11.81 0.42
C TYR A 251 18.15 10.82 1.18
N MET A 252 18.91 11.32 2.15
CA MET A 252 19.78 10.50 3.03
C MET A 252 18.93 9.42 3.68
N ILE A 253 17.65 9.68 3.96
CA ILE A 253 16.74 8.68 4.61
C ILE A 253 16.42 7.58 3.59
N MET A 254 16.05 7.97 2.36
CA MET A 254 15.79 7.01 1.26
C MET A 254 17.04 6.16 1.03
N VAL A 255 18.21 6.78 1.02
CA VAL A 255 19.52 6.10 0.76
C VAL A 255 19.81 5.06 1.86
N LYS A 256 19.49 5.37 3.12
CA LYS A 256 19.64 4.40 4.25
C LYS A 256 18.74 3.17 3.99
N CYS A 257 17.55 3.37 3.41
CA CYS A 257 16.60 2.28 3.08
C CYS A 257 17.20 1.38 1.99
N TRP A 258 18.27 1.81 1.32
CA TRP A 258 18.83 1.08 0.16
C TRP A 258 20.23 0.55 0.47
N MET A 259 20.58 0.45 1.75
CA MET A 259 21.87 -0.10 2.21
C MET A 259 21.90 -1.58 1.86
N ILE A 260 23.07 -2.07 1.47
CA ILE A 260 23.27 -3.51 1.11
C ILE A 260 23.04 -4.34 2.39
N ASP A 261 23.52 -3.91 3.57
CA ASP A 261 23.30 -4.62 4.87
C ASP A 261 21.90 -4.30 5.39
N ALA A 262 20.97 -5.26 5.32
CA ALA A 262 19.53 -5.06 5.62
C ALA A 262 19.33 -4.51 7.05
N ASP A 263 20.17 -4.89 7.99
CA ASP A 263 20.07 -4.49 9.42
C ASP A 263 20.60 -3.07 9.63
N SER A 264 21.26 -2.50 8.61
CA SER A 264 21.75 -1.11 8.65
C SER A 264 20.67 -0.20 8.04
N ARG A 265 19.61 -0.78 7.48
CA ARG A 265 18.45 0.01 6.99
C ARG A 265 17.66 0.50 8.19
N PRO A 266 16.87 1.58 8.04
CA PRO A 266 16.10 2.10 9.17
C PRO A 266 14.93 1.16 9.43
N LYS A 267 14.41 1.22 10.65
CA LYS A 267 13.18 0.51 11.08
C LYS A 267 11.98 1.42 10.79
N PHE A 268 10.88 0.87 10.31
CA PHE A 268 9.64 1.65 10.08
C PHE A 268 9.35 2.60 11.25
N ARG A 269 9.60 2.19 12.50
CA ARG A 269 9.16 2.96 13.72
C ARG A 269 9.94 4.26 13.73
N GLU A 270 11.16 4.20 13.17
CA GLU A 270 12.15 5.31 13.12
C GLU A 270 11.78 6.18 11.94
N LEU A 271 11.34 5.56 10.86
CA LEU A 271 10.93 6.30 9.65
C LEU A 271 9.71 7.14 10.01
N ILE A 272 8.79 6.61 10.82
CA ILE A 272 7.66 7.39 11.43
C ILE A 272 8.25 8.62 12.12
N ILE A 273 9.16 8.42 13.06
CA ILE A 273 9.79 9.51 13.86
C ILE A 273 10.43 10.55 12.93
N GLU A 274 11.27 10.12 11.99
CA GLU A 274 12.09 11.05 11.18
C GLU A 274 11.16 11.85 10.27
N PHE A 275 10.23 11.21 9.56
CA PHE A 275 9.28 11.93 8.68
C PHE A 275 8.41 12.85 9.55
N SER A 276 8.11 12.50 10.79
CA SER A 276 7.20 13.29 11.65
C SER A 276 7.87 14.59 12.07
N LYS A 277 9.15 14.54 12.47
CA LYS A 277 9.94 15.76 12.75
C LYS A 277 9.84 16.68 11.54
N MET A 278 10.09 16.12 10.35
CA MET A 278 10.17 16.91 9.10
C MET A 278 8.79 17.44 8.75
N ALA A 279 7.71 16.74 9.10
CA ALA A 279 6.34 17.22 8.83
C ALA A 279 5.97 18.38 9.77
N ARG A 280 6.71 18.60 10.87
CA ARG A 280 6.48 19.74 11.79
C ARG A 280 6.98 21.02 11.12
N ASP A 281 7.85 20.91 10.12
CA ASP A 281 8.50 22.05 9.43
C ASP A 281 8.73 21.66 7.97
N PRO A 282 7.64 21.43 7.20
CA PRO A 282 7.75 20.80 5.90
C PRO A 282 8.62 21.57 4.89
N GLN A 283 8.61 22.90 4.99
CA GLN A 283 9.24 23.77 3.97
C GLN A 283 10.77 23.76 4.15
N ARG A 284 11.28 23.31 5.31
CA ARG A 284 12.73 23.12 5.55
C ARG A 284 13.24 21.85 4.85
N TYR A 285 12.39 20.89 4.52
CA TYR A 285 12.83 19.53 4.12
C TYR A 285 12.48 19.25 2.66
N LEU A 286 11.42 19.87 2.14
CA LEU A 286 11.06 19.73 0.71
C LEU A 286 10.90 21.15 0.15
N VAL A 287 11.55 21.43 -0.98
CA VAL A 287 11.51 22.76 -1.64
C VAL A 287 10.69 22.61 -2.92
N ILE A 288 9.47 23.15 -2.95
CA ILE A 288 8.49 23.01 -4.07
C ILE A 288 8.07 24.41 -4.56
N GLN A 289 8.20 24.66 -5.86
CA GLN A 289 7.65 25.84 -6.58
C GLN A 289 6.21 26.17 -6.14
N GLY A 290 6.00 27.27 -5.41
CA GLY A 290 4.66 27.77 -5.03
C GLY A 290 4.02 26.99 -3.88
N ASP A 291 4.82 26.30 -3.07
CA ASP A 291 4.35 25.37 -1.99
C ASP A 291 3.36 26.10 -1.07
N GLU A 292 3.77 27.27 -0.57
CA GLU A 292 3.03 28.16 0.36
C GLU A 292 1.50 28.11 0.09
N ARG A 293 1.09 28.20 -1.18
CA ARG A 293 -0.30 28.53 -1.63
C ARG A 293 -0.95 27.35 -2.36
N MET A 294 -1.36 26.28 -1.65
CA MET A 294 -1.94 25.05 -2.27
C MET A 294 -2.94 24.37 -1.31
N HIS A 295 -4.19 24.11 -1.76
CA HIS A 295 -5.24 23.34 -1.01
C HIS A 295 -5.74 22.14 -1.84
N LEU A 296 -6.12 21.05 -1.16
CA LEU A 296 -6.67 19.76 -1.71
C LEU A 296 -7.83 19.32 -0.80
N ASP A 313 -30.06 8.44 -2.27
CA ASP A 313 -29.99 9.03 -0.90
C ASP A 313 -28.58 8.76 -0.34
N MET A 314 -27.80 9.84 -0.23
CA MET A 314 -26.52 9.88 0.53
C MET A 314 -26.81 9.90 2.04
N ASP A 315 -28.07 9.84 2.48
CA ASP A 315 -28.47 10.25 3.86
C ASP A 315 -28.00 9.22 4.89
N ASP A 316 -27.97 7.95 4.53
CA ASP A 316 -27.65 6.85 5.47
C ASP A 316 -26.20 6.40 5.25
N VAL A 317 -25.48 7.02 4.32
CA VAL A 317 -24.07 6.68 3.96
C VAL A 317 -23.14 6.96 5.15
N VAL A 318 -22.30 5.96 5.41
CA VAL A 318 -21.28 5.98 6.50
C VAL A 318 -20.03 5.33 5.92
N ASP A 319 -18.87 5.98 6.04
CA ASP A 319 -17.57 5.43 5.57
C ASP A 319 -17.28 4.17 6.37
N ALA A 320 -16.68 3.16 5.73
CA ALA A 320 -16.33 1.85 6.35
C ALA A 320 -15.54 2.04 7.65
N ASP A 321 -14.69 3.08 7.71
CA ASP A 321 -13.84 3.44 8.87
C ASP A 321 -14.69 3.84 10.07
N GLU A 322 -15.98 4.11 9.90
CA GLU A 322 -16.90 4.41 11.05
C GLU A 322 -17.90 3.25 11.23
N TYR A 323 -17.76 2.16 10.49
CA TYR A 323 -18.62 0.95 10.63
C TYR A 323 -17.84 -0.15 11.35
N LEU A 324 -18.06 -0.26 12.66
CA LEU A 324 -17.39 -1.21 13.57
C LEU A 324 -18.36 -2.34 13.90
N ILE A 325 -17.87 -3.59 14.02
CA ILE A 325 -18.62 -4.72 14.67
C ILE A 325 -17.80 -5.25 15.86
N PRO A 326 -18.44 -5.98 16.81
CA PRO A 326 -17.73 -6.51 17.99
C PRO A 326 -16.46 -7.32 17.64
N GLN A 327 -15.37 -7.12 18.39
CA GLN A 327 -13.99 -7.59 18.06
C GLN A 327 -13.69 -8.93 18.75
N1 N9R B . -7.23 -2.43 -7.44
N3 N9R B . -10.91 1.05 -3.52
C4 N9R B . -7.72 -1.72 -9.81
C5 N9R B . -8.47 -0.79 -10.57
C6 N9R B . -9.31 0.15 -9.96
C7 N9R B . -6.27 -3.55 -7.61
C8 N9R B . -7.68 -2.01 -6.24
C10 N9R B . -9.37 -0.20 -5.42
C13 N9R B . -9.29 -1.23 -1.28
C15 N9R B . -9.16 -0.39 1.11
O1 N9R B . -8.48 -1.85 -1.96
C14 N9R B . -9.36 -1.57 0.18
N2 N9R B . -10.11 -0.30 -1.80
C12 N9R B . -10.13 0.02 -3.13
C11 N9R B . -9.35 -0.63 -4.10
C16 N9R B . -10.94 1.40 -4.83
N4 N9R B . -10.20 0.80 -5.77
C9 N9R B . -8.57 -0.93 -6.44
C2 N9R B . -8.65 -0.75 -7.82
C3 N9R B . -7.81 -1.70 -8.42
C1 N9R B . -9.42 0.16 -8.56
#